data_5WKS
#
_entry.id   5WKS
#
_cell.length_a   56.300
_cell.length_b   69.120
_cell.length_c   126.830
_cell.angle_alpha   90.00
_cell.angle_beta   90.00
_cell.angle_gamma   90.00
#
_symmetry.space_group_name_H-M   'P 21 21 21'
#
loop_
_entity.id
_entity.type
_entity.pdbx_description
1 polymer 'Engineered Chalcone Isomerase ancR1'
2 non-polymer NARINGENIN
3 non-polymer 'FORMIC ACID'
4 non-polymer (4S)-2-METHYL-2,4-PENTANEDIOL
5 water water
#
_entity_poly.entity_id   1
_entity_poly.type   'polypeptide(L)'
_entity_poly.pdbx_seq_one_letter_code
;SHGMAVTKVTVDGIEFPPTITPPGSSKSLTLLGAGVRGMEIETIQIKVTAIGVYAEPEVIASHLQKWKGKSASELVEDDG
FFKDLVQAPVEKLVKITIIKGIKGSQYGGAVEESIRDRLAALDKYSEAEEEALEEFREFFQTKSLPKGSVIFFHWPSPST
LQISVSTDGSLPEEAEATVENANVAAALLDVFLGENSVSPSTKASVAEGISALLMKNKDEKEV
;
_entity_poly.pdbx_strand_id   A,B
#
# COMPACT_ATOMS: atom_id res chain seq x y z
N HIS A 2 2.87 -34.30 31.43
CA HIS A 2 4.02 -34.84 30.73
C HIS A 2 3.72 -36.22 30.15
N GLY A 3 2.51 -36.70 30.42
CA GLY A 3 2.12 -38.06 30.04
C GLY A 3 0.99 -38.18 29.03
N MET A 4 0.26 -37.11 28.77
CA MET A 4 -0.81 -37.11 27.76
C MET A 4 -0.50 -36.12 26.66
N ALA A 5 -1.06 -36.36 25.48
CA ALA A 5 -0.82 -35.48 24.34
C ALA A 5 -1.24 -34.04 24.64
N VAL A 6 -0.36 -33.12 24.29
N VAL A 6 -0.39 -33.09 24.28
CA VAL A 6 -0.62 -31.68 24.37
CA VAL A 6 -0.75 -31.68 24.38
C VAL A 6 -0.48 -31.06 22.98
C VAL A 6 -0.42 -30.98 23.08
N THR A 7 -1.28 -30.04 22.68
CA THR A 7 -1.10 -29.31 21.45
C THR A 7 -0.54 -27.93 21.75
N LYS A 8 0.54 -27.57 21.07
CA LYS A 8 1.14 -26.25 21.23
C LYS A 8 1.29 -25.60 19.86
N VAL A 9 0.97 -24.32 19.79
CA VAL A 9 1.14 -23.56 18.57
C VAL A 9 2.06 -22.40 18.85
N THR A 10 3.10 -22.24 18.04
N THR A 10 3.05 -22.22 17.99
CA THR A 10 4.00 -21.10 18.22
CA THR A 10 4.04 -21.17 18.16
C THR A 10 4.21 -20.35 16.92
C THR A 10 4.22 -20.36 16.89
N VAL A 11 4.43 -19.04 17.06
CA VAL A 11 4.77 -18.18 15.94
C VAL A 11 6.13 -17.60 16.27
N ASP A 12 7.15 -18.06 15.54
CA ASP A 12 8.54 -17.77 15.86
C ASP A 12 8.81 -17.88 17.36
N GLY A 13 8.31 -18.95 17.96
CA GLY A 13 8.55 -19.22 19.37
C GLY A 13 7.50 -18.66 20.32
N ILE A 14 6.64 -17.77 19.83
CA ILE A 14 5.62 -17.16 20.66
C ILE A 14 4.38 -18.04 20.72
N GLU A 15 3.97 -18.45 21.91
N GLU A 15 3.96 -18.44 21.92
CA GLU A 15 2.83 -19.36 22.01
CA GLU A 15 2.84 -19.35 22.10
C GLU A 15 1.52 -18.66 21.73
C GLU A 15 1.48 -18.69 21.83
N PHE A 16 0.66 -19.35 21.02
CA PHE A 16 -0.73 -18.94 20.80
C PHE A 16 -1.64 -20.05 21.28
N PRO A 17 -2.74 -19.70 21.95
CA PRO A 17 -3.65 -20.76 22.35
C PRO A 17 -4.33 -21.39 21.13
N PRO A 18 -4.44 -22.73 21.10
CA PRO A 18 -5.05 -23.38 19.94
C PRO A 18 -6.52 -23.01 19.82
N THR A 19 -7.16 -22.73 20.94
CA THR A 19 -8.54 -22.27 20.93
C THR A 19 -8.70 -21.15 21.93
N ILE A 20 -9.70 -20.30 21.66
CA ILE A 20 -10.09 -19.26 22.58
C ILE A 20 -11.61 -19.29 22.69
N THR A 21 -12.10 -19.35 23.93
CA THR A 21 -13.53 -19.19 24.17
C THR A 21 -13.76 -17.83 24.77
N PRO A 22 -14.34 -16.90 23.99
CA PRO A 22 -14.59 -15.56 24.53
C PRO A 22 -15.51 -15.63 25.74
N PRO A 23 -15.24 -14.80 26.77
CA PRO A 23 -16.14 -14.64 27.91
C PRO A 23 -17.58 -14.40 27.47
N GLY A 24 -18.54 -14.91 28.24
CA GLY A 24 -19.95 -14.72 27.91
C GLY A 24 -20.45 -15.70 26.87
N SER A 25 -19.56 -16.54 26.37
CA SER A 25 -19.89 -17.48 25.31
C SER A 25 -19.44 -18.89 25.65
N SER A 26 -20.18 -19.88 25.15
CA SER A 26 -19.78 -21.27 25.32
C SER A 26 -19.14 -21.79 24.04
N LYS A 27 -19.15 -20.96 22.99
CA LYS A 27 -18.61 -21.35 21.70
C LYS A 27 -17.10 -21.16 21.63
N SER A 28 -16.40 -22.22 21.25
CA SER A 28 -14.95 -22.20 21.12
C SER A 28 -14.51 -21.76 19.73
N LEU A 29 -13.60 -20.79 19.69
CA LEU A 29 -13.00 -20.36 18.45
C LEU A 29 -11.64 -21.02 18.31
N THR A 30 -11.39 -21.56 17.13
CA THR A 30 -10.14 -22.25 16.88
C THR A 30 -9.20 -21.36 16.10
N LEU A 31 -7.92 -21.45 16.44
CA LEU A 31 -6.90 -20.77 15.64
C LEU A 31 -6.87 -21.31 14.21
N LEU A 32 -7.17 -20.45 13.25
CA LEU A 32 -7.11 -20.83 11.84
C LEU A 32 -5.71 -20.73 11.27
N GLY A 33 -4.94 -19.79 11.79
CA GLY A 33 -3.60 -19.57 11.30
C GLY A 33 -3.02 -18.41 12.07
N ALA A 34 -1.70 -18.29 12.04
CA ALA A 34 -1.03 -17.17 12.67
C ALA A 34 0.28 -16.90 12.01
N GLY A 35 0.70 -15.64 12.09
CA GLY A 35 1.93 -15.19 11.45
C GLY A 35 2.47 -13.95 12.12
N VAL A 36 3.35 -13.25 11.42
CA VAL A 36 3.98 -12.06 12.00
C VAL A 36 3.81 -10.84 11.13
N ARG A 37 3.83 -9.66 11.75
CA ARG A 37 3.98 -8.42 11.01
C ARG A 37 5.46 -8.11 11.01
N GLY A 38 6.08 -8.24 9.85
CA GLY A 38 7.49 -7.92 9.71
C GLY A 38 7.63 -6.61 8.98
N MET A 39 8.63 -5.83 9.37
CA MET A 39 8.87 -4.55 8.73
C MET A 39 10.34 -4.46 8.38
N GLU A 40 10.65 -4.14 7.13
CA GLU A 40 12.05 -3.95 6.76
C GLU A 40 12.42 -2.49 6.93
N ILE A 41 13.19 -2.20 7.97
CA ILE A 41 13.62 -0.86 8.29
C ILE A 41 15.13 -0.75 8.16
N GLU A 42 15.58 0.07 7.21
CA GLU A 42 17.00 0.23 6.93
C GLU A 42 17.67 -1.12 6.72
N THR A 43 17.00 -1.98 5.95
CA THR A 43 17.49 -3.31 5.57
C THR A 43 17.40 -4.36 6.69
N ILE A 44 17.00 -3.93 7.89
CA ILE A 44 16.80 -4.88 8.99
C ILE A 44 15.36 -5.42 8.98
N GLN A 45 15.21 -6.74 9.01
CA GLN A 45 13.90 -7.38 9.00
C GLN A 45 13.34 -7.55 10.41
N ILE A 46 12.55 -6.58 10.85
CA ILE A 46 12.08 -6.53 12.24
C ILE A 46 10.71 -7.15 12.41
N LYS A 47 10.59 -8.10 13.33
CA LYS A 47 9.29 -8.67 13.64
C LYS A 47 8.66 -7.84 14.74
N VAL A 48 7.54 -7.17 14.45
CA VAL A 48 7.01 -6.25 15.43
C VAL A 48 5.78 -6.76 16.17
N THR A 49 5.02 -7.67 15.55
CA THR A 49 3.88 -8.31 16.23
C THR A 49 3.70 -9.71 15.70
N ALA A 50 2.99 -10.53 16.47
CA ALA A 50 2.49 -11.80 16.00
C ALA A 50 0.97 -11.73 15.98
N ILE A 51 0.36 -12.33 14.96
CA ILE A 51 -1.06 -12.17 14.68
C ILE A 51 -1.71 -13.53 14.56
N GLY A 52 -2.75 -13.79 15.33
CA GLY A 52 -3.49 -15.05 15.24
C GLY A 52 -4.95 -14.79 14.88
N VAL A 53 -5.50 -15.59 13.97
CA VAL A 53 -6.87 -15.44 13.51
C VAL A 53 -7.70 -16.62 13.96
N TYR A 54 -8.82 -16.35 14.62
CA TYR A 54 -9.70 -17.35 15.25
C TYR A 54 -11.13 -17.28 14.74
N ALA A 55 -11.76 -18.44 14.55
CA ALA A 55 -13.19 -18.52 14.26
C ALA A 55 -13.69 -19.90 14.65
N GLU A 56 -15.01 -20.08 14.66
CA GLU A 56 -15.59 -21.41 14.88
C GLU A 56 -15.33 -22.24 13.63
N PRO A 57 -14.60 -23.36 13.76
CA PRO A 57 -14.14 -24.10 12.58
C PRO A 57 -15.27 -24.63 11.69
N GLU A 58 -16.24 -25.31 12.29
CA GLU A 58 -17.32 -25.88 11.50
C GLU A 58 -18.17 -24.79 10.89
N VAL A 59 -18.39 -23.72 11.65
CA VAL A 59 -19.23 -22.64 11.18
C VAL A 59 -18.56 -21.94 10.01
N ILE A 60 -17.29 -21.58 10.13
CA ILE A 60 -16.69 -20.84 9.03
C ILE A 60 -16.51 -21.75 7.79
N ALA A 61 -16.24 -23.04 8.00
CA ALA A 61 -16.19 -23.96 6.88
C ALA A 61 -17.51 -23.98 6.11
N SER A 62 -18.62 -23.91 6.83
CA SER A 62 -19.94 -23.94 6.20
C SER A 62 -20.20 -22.72 5.32
N HIS A 63 -19.38 -21.68 5.47
CA HIS A 63 -19.51 -20.47 4.66
C HIS A 63 -18.42 -20.32 3.60
N LEU A 64 -17.63 -21.37 3.42
CA LEU A 64 -16.52 -21.36 2.47
C LEU A 64 -16.51 -22.60 1.59
N GLN A 65 -17.70 -23.17 1.38
CA GLN A 65 -17.79 -24.46 0.74
C GLN A 65 -17.26 -24.51 -0.70
N LYS A 66 -17.32 -23.40 -1.43
CA LYS A 66 -16.84 -23.42 -2.80
C LYS A 66 -15.32 -23.64 -2.89
N TRP A 67 -14.62 -23.41 -1.78
CA TRP A 67 -13.17 -23.54 -1.78
C TRP A 67 -12.71 -24.93 -1.38
N LYS A 68 -13.66 -25.80 -1.08
CA LYS A 68 -13.35 -27.16 -0.62
C LYS A 68 -12.50 -27.91 -1.64
N GLY A 69 -11.45 -28.57 -1.16
CA GLY A 69 -10.56 -29.32 -2.03
C GLY A 69 -9.39 -28.53 -2.59
N LYS A 70 -9.41 -27.22 -2.39
CA LYS A 70 -8.30 -26.39 -2.83
C LYS A 70 -7.13 -26.58 -1.86
N SER A 71 -5.91 -26.58 -2.40
CA SER A 71 -4.71 -26.67 -1.58
C SER A 71 -4.39 -25.33 -0.96
N ALA A 72 -3.51 -25.32 0.03
CA ALA A 72 -3.10 -24.06 0.65
C ALA A 72 -2.50 -23.11 -0.38
N SER A 73 -1.74 -23.66 -1.33
CA SER A 73 -1.11 -22.85 -2.36
C SER A 73 -2.13 -22.17 -3.27
N GLU A 74 -3.17 -22.89 -3.67
CA GLU A 74 -4.17 -22.28 -4.54
CA GLU A 74 -4.22 -22.35 -4.51
C GLU A 74 -5.02 -21.27 -3.77
N LEU A 75 -5.23 -21.48 -2.49
CA LEU A 75 -5.97 -20.50 -1.70
C LEU A 75 -5.15 -19.24 -1.48
N VAL A 76 -3.87 -19.42 -1.16
CA VAL A 76 -3.04 -18.27 -0.79
C VAL A 76 -2.85 -17.32 -1.97
N GLU A 77 -2.99 -17.85 -3.18
CA GLU A 77 -2.78 -17.06 -4.39
C GLU A 77 -4.06 -16.41 -4.90
N ASP A 78 -5.17 -16.62 -4.20
CA ASP A 78 -6.48 -16.18 -4.69
C ASP A 78 -7.10 -15.08 -3.84
N ASP A 79 -7.09 -13.86 -4.35
CA ASP A 79 -7.65 -12.73 -3.62
C ASP A 79 -9.13 -12.94 -3.32
N GLY A 80 -9.81 -13.68 -4.19
CA GLY A 80 -11.23 -13.95 -4.02
C GLY A 80 -11.48 -14.79 -2.77
N PHE A 81 -10.57 -15.71 -2.47
CA PHE A 81 -10.70 -16.52 -1.27
C PHE A 81 -10.64 -15.64 -0.03
N PHE A 82 -9.64 -14.77 0.03
CA PHE A 82 -9.51 -13.91 1.20
C PHE A 82 -10.65 -12.90 1.30
N LYS A 83 -11.22 -12.48 0.17
CA LYS A 83 -12.39 -11.61 0.25
C LYS A 83 -13.59 -12.37 0.83
N ASP A 84 -13.77 -13.63 0.43
CA ASP A 84 -14.82 -14.46 1.01
C ASP A 84 -14.62 -14.57 2.53
N LEU A 85 -13.37 -14.81 2.94
CA LEU A 85 -13.07 -14.98 4.35
C LEU A 85 -13.35 -13.70 5.14
N VAL A 86 -12.94 -12.55 4.62
CA VAL A 86 -13.19 -11.28 5.28
C VAL A 86 -14.69 -11.01 5.39
N GLN A 87 -15.45 -11.39 4.36
CA GLN A 87 -16.87 -11.10 4.35
C GLN A 87 -17.75 -12.15 5.02
N ALA A 88 -17.20 -13.32 5.31
CA ALA A 88 -18.01 -14.42 5.84
C ALA A 88 -18.73 -13.94 7.10
N PRO A 89 -20.05 -14.13 7.15
CA PRO A 89 -20.88 -13.65 8.26
C PRO A 89 -20.82 -14.56 9.48
N VAL A 90 -19.64 -14.62 10.07
CA VAL A 90 -19.38 -15.47 11.23
C VAL A 90 -18.51 -14.70 12.23
N GLU A 91 -18.55 -15.10 13.49
CA GLU A 91 -17.72 -14.48 14.52
C GLU A 91 -16.24 -14.71 14.23
N LYS A 92 -15.44 -13.66 14.41
CA LYS A 92 -14.00 -13.75 14.22
C LYS A 92 -13.28 -13.03 15.33
N LEU A 93 -12.07 -13.48 15.63
CA LEU A 93 -11.24 -12.83 16.64
C LEU A 93 -9.81 -12.81 16.14
N VAL A 94 -9.15 -11.67 16.26
CA VAL A 94 -7.72 -11.59 16.01
C VAL A 94 -7.02 -11.28 17.32
N LYS A 95 -6.01 -12.07 17.64
CA LYS A 95 -5.14 -11.83 18.79
C LYS A 95 -3.81 -11.35 18.30
N ILE A 96 -3.40 -10.19 18.77
CA ILE A 96 -2.12 -9.58 18.45
CA ILE A 96 -2.10 -9.65 18.43
C ILE A 96 -1.20 -9.65 19.67
N THR A 97 -0.04 -10.27 19.55
CA THR A 97 0.96 -10.20 20.62
C THR A 97 2.02 -9.20 20.18
N ILE A 98 2.24 -8.18 20.99
CA ILE A 98 3.22 -7.16 20.68
C ILE A 98 4.64 -7.69 20.92
N ILE A 99 5.48 -7.60 19.90
CA ILE A 99 6.88 -8.03 20.04
C ILE A 99 7.76 -6.82 20.31
N LYS A 100 7.60 -5.78 19.51
CA LYS A 100 8.33 -4.53 19.72
C LYS A 100 7.43 -3.53 20.43
N GLY A 101 7.81 -3.14 21.63
CA GLY A 101 6.98 -2.27 22.44
C GLY A 101 6.79 -0.92 21.79
N ILE A 102 5.56 -0.39 21.90
N ILE A 102 5.56 -0.39 21.90
CA ILE A 102 5.19 0.86 21.23
CA ILE A 102 5.26 0.91 21.34
C ILE A 102 4.11 1.59 22.03
C ILE A 102 4.22 1.62 22.20
N LYS A 103 4.08 2.92 21.97
CA LYS A 103 3.01 3.68 22.58
C LYS A 103 1.69 3.34 21.89
N GLY A 104 0.60 3.31 22.63
CA GLY A 104 -0.70 3.07 22.04
C GLY A 104 -1.00 4.10 20.96
N SER A 105 -0.60 5.34 21.17
CA SER A 105 -0.88 6.39 20.21
C SER A 105 -0.14 6.17 18.89
N GLN A 106 1.04 5.55 18.97
CA GLN A 106 1.82 5.21 17.79
C GLN A 106 1.11 4.13 16.98
N TYR A 107 0.66 3.11 17.68
CA TYR A 107 -0.06 2.01 17.04
C TYR A 107 -1.38 2.49 16.43
N GLY A 108 -2.17 3.17 17.24
CA GLY A 108 -3.48 3.63 16.80
C GLY A 108 -3.36 4.60 15.65
N GLY A 109 -2.43 5.54 15.76
CA GLY A 109 -2.26 6.54 14.71
C GLY A 109 -1.85 5.90 13.40
N ALA A 110 -0.91 4.95 13.47
CA ALA A 110 -0.41 4.31 12.26
C ALA A 110 -1.48 3.47 11.59
N VAL A 111 -2.18 2.65 12.37
CA VAL A 111 -3.18 1.77 11.78
C VAL A 111 -4.40 2.57 11.31
N GLU A 112 -4.79 3.60 12.07
CA GLU A 112 -5.90 4.44 11.63
C GLU A 112 -5.61 5.09 10.28
N GLU A 113 -4.38 5.58 10.09
CA GLU A 113 -4.05 6.21 8.82
C GLU A 113 -4.04 5.20 7.68
N SER A 114 -3.58 3.98 7.95
N SER A 114 -3.59 3.97 7.93
CA SER A 114 -3.64 2.94 6.93
CA SER A 114 -3.64 2.92 6.91
C SER A 114 -5.08 2.65 6.53
C SER A 114 -5.08 2.57 6.51
N ILE A 115 -5.97 2.51 7.50
CA ILE A 115 -7.36 2.23 7.18
C ILE A 115 -8.00 3.41 6.44
N ARG A 116 -7.71 4.63 6.89
CA ARG A 116 -8.19 5.82 6.21
C ARG A 116 -7.80 5.80 4.73
N ASP A 117 -6.52 5.54 4.47
CA ASP A 117 -6.03 5.52 3.10
C ASP A 117 -6.62 4.38 2.27
N ARG A 118 -6.71 3.19 2.87
CA ARG A 118 -7.24 2.03 2.16
C ARG A 118 -8.72 2.21 1.84
N LEU A 119 -9.49 2.73 2.79
CA LEU A 119 -10.90 3.03 2.52
C LEU A 119 -11.00 4.09 1.43
N ALA A 120 -10.15 5.12 1.49
CA ALA A 120 -10.22 6.15 0.45
C ALA A 120 -9.92 5.55 -0.92
N ALA A 121 -8.93 4.66 -1.00
CA ALA A 121 -8.59 4.04 -2.27
C ALA A 121 -9.78 3.29 -2.87
N LEU A 122 -10.62 2.73 -2.00
CA LEU A 122 -11.78 1.95 -2.43
C LEU A 122 -13.05 2.79 -2.58
N ASP A 123 -12.92 4.10 -2.38
CA ASP A 123 -14.06 5.00 -2.33
C ASP A 123 -15.09 4.55 -1.30
N LYS A 124 -14.60 4.17 -0.13
CA LYS A 124 -15.47 3.75 0.97
C LYS A 124 -15.20 4.59 2.21
N TYR A 125 -14.76 5.82 1.99
CA TYR A 125 -14.46 6.73 3.08
C TYR A 125 -15.41 7.92 3.07
N SER A 126 -16.27 7.99 4.08
CA SER A 126 -17.18 9.10 4.25
C SER A 126 -17.14 9.60 5.69
N GLU A 127 -18.00 10.54 6.03
CA GLU A 127 -17.95 11.11 7.38
C GLU A 127 -18.16 10.05 8.46
N ALA A 128 -18.96 9.04 8.17
CA ALA A 128 -19.21 7.98 9.14
C ALA A 128 -17.93 7.21 9.46
N GLU A 129 -17.14 6.93 8.42
CA GLU A 129 -15.89 6.21 8.64
C GLU A 129 -14.87 7.10 9.34
N GLU A 130 -14.87 8.40 9.00
CA GLU A 130 -13.98 9.35 9.65
C GLU A 130 -14.23 9.38 11.16
N GLU A 131 -15.50 9.44 11.55
CA GLU A 131 -15.87 9.47 12.97
C GLU A 131 -15.47 8.16 13.66
N ALA A 132 -15.73 7.03 13.01
CA ALA A 132 -15.37 5.73 13.58
C ALA A 132 -13.86 5.60 13.77
N LEU A 133 -13.09 6.14 12.83
CA LEU A 133 -11.64 6.06 12.94
C LEU A 133 -11.11 6.96 14.05
N GLU A 134 -11.78 8.07 14.32
CA GLU A 134 -11.43 8.91 15.48
C GLU A 134 -11.63 8.11 16.75
N GLU A 135 -12.72 7.37 16.82
CA GLU A 135 -12.97 6.56 18.02
C GLU A 135 -11.89 5.49 18.18
N PHE A 136 -11.51 4.86 17.08
CA PHE A 136 -10.45 3.86 17.08
C PHE A 136 -9.14 4.45 17.58
N ARG A 137 -8.76 5.59 17.01
CA ARG A 137 -7.50 6.23 17.38
C ARG A 137 -7.52 6.65 18.85
N GLU A 138 -8.63 7.23 19.29
CA GLU A 138 -8.69 7.72 20.65
C GLU A 138 -8.63 6.60 21.68
N PHE A 139 -9.16 5.43 21.34
CA PHE A 139 -9.04 4.30 22.24
C PHE A 139 -7.58 3.97 22.48
N PHE A 140 -6.80 3.91 21.42
CA PHE A 140 -5.40 3.52 21.56
C PHE A 140 -4.53 4.60 22.18
N GLN A 141 -4.95 5.86 22.07
CA GLN A 141 -4.21 6.96 22.65
C GLN A 141 -4.09 6.81 24.17
N THR A 142 -5.04 6.09 24.75
CA THR A 142 -5.11 5.88 26.20
C THR A 142 -4.31 4.67 26.67
N LYS A 143 -3.67 3.98 25.74
CA LYS A 143 -3.02 2.71 26.05
C LYS A 143 -1.52 2.71 25.84
N SER A 144 -0.84 1.81 26.56
N SER A 144 -0.85 1.80 26.57
CA SER A 144 0.57 1.55 26.33
CA SER A 144 0.56 1.52 26.36
C SER A 144 0.69 0.10 25.85
C SER A 144 0.67 0.10 25.84
N LEU A 145 1.57 -0.14 24.90
CA LEU A 145 1.72 -1.47 24.31
C LEU A 145 3.15 -1.99 24.43
N PRO A 146 3.57 -2.30 25.66
CA PRO A 146 4.90 -2.87 25.83
C PRO A 146 4.99 -4.27 25.22
N LYS A 147 6.22 -4.72 24.99
CA LYS A 147 6.49 -6.10 24.57
C LYS A 147 5.71 -7.07 25.44
N GLY A 148 4.99 -7.99 24.82
CA GLY A 148 4.22 -8.96 25.55
C GLY A 148 2.77 -8.57 25.76
N SER A 149 2.43 -7.30 25.56
CA SER A 149 1.02 -6.95 25.67
C SER A 149 0.26 -7.53 24.48
N VAL A 150 -1.06 -7.58 24.63
CA VAL A 150 -1.93 -8.23 23.66
C VAL A 150 -3.08 -7.31 23.28
N ILE A 151 -3.37 -7.27 21.98
CA ILE A 151 -4.56 -6.60 21.48
C ILE A 151 -5.52 -7.65 21.01
N PHE A 152 -6.77 -7.55 21.44
CA PHE A 152 -7.82 -8.39 20.90
C PHE A 152 -8.76 -7.56 20.04
N PHE A 153 -8.90 -7.95 18.79
CA PHE A 153 -9.91 -7.41 17.90
C PHE A 153 -10.98 -8.47 17.72
N HIS A 154 -12.22 -8.12 18.00
CA HIS A 154 -13.31 -9.09 17.92
C HIS A 154 -14.39 -8.57 17.02
N TRP A 155 -14.81 -9.40 16.07
CA TRP A 155 -15.91 -9.08 15.16
C TRP A 155 -17.08 -10.00 15.44
N PRO A 156 -17.97 -9.59 16.35
CA PRO A 156 -19.10 -10.48 16.65
C PRO A 156 -20.01 -10.62 15.43
N SER A 157 -20.03 -9.57 14.61
CA SER A 157 -20.57 -9.62 13.26
C SER A 157 -19.65 -8.77 12.39
N PRO A 158 -19.72 -8.92 11.06
CA PRO A 158 -18.80 -8.15 10.21
C PRO A 158 -18.83 -6.64 10.42
N SER A 159 -19.95 -6.07 10.85
CA SER A 159 -20.07 -4.60 10.95
C SER A 159 -19.69 -4.02 12.31
N THR A 160 -19.37 -4.87 13.27
CA THR A 160 -19.08 -4.43 14.63
C THR A 160 -17.66 -4.84 15.02
N LEU A 161 -16.86 -3.87 15.45
CA LEU A 161 -15.50 -4.14 15.91
C LEU A 161 -15.39 -3.86 17.39
N GLN A 162 -14.98 -4.87 18.16
CA GLN A 162 -14.73 -4.71 19.59
C GLN A 162 -13.23 -4.76 19.80
N ILE A 163 -12.71 -3.96 20.73
CA ILE A 163 -11.28 -3.88 20.96
C ILE A 163 -10.99 -3.97 22.43
N SER A 164 -9.96 -4.72 22.80
N SER A 164 -9.93 -4.68 22.80
CA SER A 164 -9.44 -4.72 24.16
CA SER A 164 -9.46 -4.69 24.18
C SER A 164 -7.92 -4.82 24.12
C SER A 164 -7.97 -4.97 24.23
N VAL A 165 -7.29 -4.34 25.18
CA VAL A 165 -5.86 -4.49 25.36
C VAL A 165 -5.63 -5.21 26.66
N SER A 166 -4.82 -6.26 26.61
CA SER A 166 -4.61 -7.17 27.73
C SER A 166 -3.14 -7.14 28.13
N THR A 167 -2.88 -7.12 29.43
CA THR A 167 -1.49 -7.11 29.91
C THR A 167 -0.95 -8.53 30.10
N ASP A 168 -1.86 -9.49 30.27
CA ASP A 168 -1.47 -10.86 30.59
C ASP A 168 -1.95 -11.89 29.59
N GLY A 169 -2.58 -11.44 28.51
CA GLY A 169 -3.08 -12.35 27.48
C GLY A 169 -4.49 -12.87 27.73
N SER A 170 -5.05 -12.58 28.89
CA SER A 170 -6.40 -13.02 29.19
C SER A 170 -7.43 -12.12 28.52
N LEU A 171 -8.58 -12.69 28.16
CA LEU A 171 -9.68 -11.90 27.60
CA LEU A 171 -9.68 -11.90 27.60
C LEU A 171 -10.50 -11.27 28.72
C LEU A 171 -10.49 -11.26 28.72
N PRO A 172 -10.75 -9.95 28.61
CA PRO A 172 -11.59 -9.27 29.60
C PRO A 172 -13.02 -9.74 29.50
N GLU A 173 -13.81 -9.54 30.55
CA GLU A 173 -15.17 -10.02 30.55
C GLU A 173 -16.01 -9.24 29.55
N GLU A 174 -15.54 -8.04 29.20
CA GLU A 174 -16.21 -7.24 28.20
C GLU A 174 -15.21 -6.45 27.37
N ALA A 175 -15.63 -6.09 26.16
CA ALA A 175 -14.82 -5.27 25.28
C ALA A 175 -14.59 -3.90 25.88
N GLU A 176 -13.39 -3.36 25.70
CA GLU A 176 -13.09 -2.02 26.20
C GLU A 176 -13.66 -0.94 25.31
N ALA A 177 -13.76 -1.23 24.01
CA ALA A 177 -14.29 -0.27 23.05
C ALA A 177 -15.07 -1.02 22.00
N THR A 178 -16.10 -0.36 21.47
CA THR A 178 -16.91 -0.91 20.39
C THR A 178 -17.05 0.14 19.30
N VAL A 179 -16.67 -0.22 18.08
CA VAL A 179 -16.75 0.68 16.94
C VAL A 179 -17.77 0.10 15.97
N GLU A 180 -18.86 0.83 15.75
CA GLU A 180 -19.94 0.35 14.91
C GLU A 180 -19.85 1.02 13.56
N ASN A 181 -19.13 0.38 12.64
CA ASN A 181 -19.00 0.88 11.28
C ASN A 181 -18.56 -0.27 10.42
N ALA A 182 -19.40 -0.63 9.46
CA ALA A 182 -19.13 -1.78 8.61
C ALA A 182 -17.81 -1.64 7.85
N ASN A 183 -17.57 -0.47 7.27
CA ASN A 183 -16.40 -0.31 6.42
C ASN A 183 -15.10 -0.35 7.22
N VAL A 184 -15.09 0.32 8.37
CA VAL A 184 -13.90 0.32 9.21
C VAL A 184 -13.65 -1.08 9.78
N ALA A 185 -14.71 -1.75 10.23
CA ALA A 185 -14.53 -3.10 10.78
C ALA A 185 -13.96 -4.04 9.72
N ALA A 186 -14.52 -4.00 8.52
CA ALA A 186 -14.03 -4.84 7.44
C ALA A 186 -12.60 -4.46 7.03
N ALA A 187 -12.32 -3.15 6.97
CA ALA A 187 -11.01 -2.72 6.54
C ALA A 187 -9.92 -3.15 7.50
N LEU A 188 -10.21 -3.16 8.79
CA LEU A 188 -9.21 -3.61 9.76
C LEU A 188 -8.91 -5.08 9.52
N LEU A 189 -9.95 -5.88 9.31
CA LEU A 189 -9.69 -7.30 9.04
C LEU A 189 -8.88 -7.44 7.75
N ASP A 190 -9.20 -6.60 6.77
CA ASP A 190 -8.52 -6.61 5.49
C ASP A 190 -7.05 -6.17 5.56
N VAL A 191 -6.68 -5.36 6.56
CA VAL A 191 -5.29 -5.02 6.81
C VAL A 191 -4.46 -6.28 6.99
N PHE A 192 -5.06 -7.29 7.61
CA PHE A 192 -4.36 -8.55 7.84
C PHE A 192 -4.57 -9.57 6.72
N LEU A 193 -5.77 -9.63 6.17
CA LEU A 193 -6.09 -10.73 5.26
C LEU A 193 -6.24 -10.31 3.80
N GLY A 194 -6.27 -9.01 3.54
CA GLY A 194 -6.57 -8.51 2.20
C GLY A 194 -5.35 -8.28 1.34
N GLU A 195 -5.52 -7.51 0.27
CA GLU A 195 -4.41 -7.22 -0.62
C GLU A 195 -3.46 -6.23 0.05
N ASN A 196 -2.17 -6.31 -0.29
CA ASN A 196 -1.17 -5.50 0.40
C ASN A 196 -1.32 -5.68 1.90
N SER A 197 -1.56 -6.94 2.28
CA SER A 197 -1.61 -7.33 3.68
C SER A 197 -0.32 -7.00 4.38
N VAL A 198 -0.41 -6.65 5.64
CA VAL A 198 0.79 -6.41 6.45
C VAL A 198 1.44 -7.71 6.88
N SER A 199 0.76 -8.83 6.65
CA SER A 199 1.31 -10.13 7.09
C SER A 199 0.99 -11.25 6.11
N PRO A 200 1.79 -11.36 5.04
CA PRO A 200 1.71 -12.51 4.15
C PRO A 200 1.83 -13.84 4.90
N SER A 201 2.63 -13.88 5.97
CA SER A 201 2.79 -15.09 6.76
C SER A 201 1.48 -15.52 7.43
N THR A 202 0.75 -14.55 7.99
CA THR A 202 -0.55 -14.86 8.56
C THR A 202 -1.50 -15.38 7.49
N LYS A 203 -1.51 -14.72 6.34
CA LYS A 203 -2.38 -15.19 5.25
C LYS A 203 -2.06 -16.61 4.81
N ALA A 204 -0.77 -16.91 4.66
CA ALA A 204 -0.35 -18.24 4.27
C ALA A 204 -0.75 -19.28 5.31
N SER A 205 -0.58 -18.92 6.59
CA SER A 205 -0.94 -19.82 7.66
C SER A 205 -2.44 -20.10 7.69
N VAL A 206 -3.23 -19.04 7.53
CA VAL A 206 -4.68 -19.19 7.47
C VAL A 206 -5.10 -20.00 6.26
N ALA A 207 -4.43 -19.83 5.13
CA ALA A 207 -4.71 -20.66 3.95
C ALA A 207 -4.44 -22.14 4.24
N GLU A 208 -3.35 -22.43 4.94
CA GLU A 208 -3.07 -23.81 5.33
C GLU A 208 -4.16 -24.37 6.24
N GLY A 209 -4.55 -23.59 7.25
CA GLY A 209 -5.56 -24.04 8.18
C GLY A 209 -6.90 -24.28 7.53
N ILE A 210 -7.36 -23.33 6.72
CA ILE A 210 -8.66 -23.48 6.11
CA ILE A 210 -8.65 -23.44 6.07
C ILE A 210 -8.66 -24.56 5.03
N SER A 211 -7.57 -24.70 4.28
CA SER A 211 -7.49 -25.77 3.30
C SER A 211 -7.66 -27.12 3.99
N ALA A 212 -6.96 -27.32 5.10
CA ALA A 212 -7.07 -28.56 5.86
C ALA A 212 -8.48 -28.74 6.40
N LEU A 213 -9.04 -27.67 6.93
CA LEU A 213 -10.36 -27.71 7.52
C LEU A 213 -11.42 -28.15 6.50
N LEU A 214 -11.29 -27.65 5.27
CA LEU A 214 -12.30 -27.92 4.26
C LEU A 214 -12.18 -29.32 3.70
N MET A 215 -11.01 -29.95 3.92
CA MET A 215 -10.80 -31.34 3.52
C MET A 215 -11.16 -32.31 4.64
N SER B 1 -1.92 18.37 -41.63
CA SER B 1 -0.51 18.04 -41.70
C SER B 1 0.11 18.45 -43.02
N HIS B 2 -0.72 18.67 -44.03
CA HIS B 2 -0.25 19.04 -45.36
C HIS B 2 0.66 17.97 -45.97
N GLY B 3 0.46 16.72 -45.55
CA GLY B 3 1.24 15.61 -46.07
C GLY B 3 2.58 15.42 -45.37
N MET B 4 2.87 16.27 -44.39
CA MET B 4 4.11 16.19 -43.62
C MET B 4 4.04 15.06 -42.62
N ALA B 5 5.21 14.50 -42.31
CA ALA B 5 5.33 13.42 -41.34
C ALA B 5 4.72 13.84 -39.99
N VAL B 6 3.97 12.92 -39.40
CA VAL B 6 3.46 13.06 -38.05
C VAL B 6 4.15 12.03 -37.15
N THR B 7 4.78 12.52 -36.09
CA THR B 7 5.46 11.64 -35.14
C THR B 7 4.66 11.57 -33.86
N LYS B 8 4.43 10.35 -33.41
N LYS B 8 4.42 10.34 -33.40
CA LYS B 8 3.71 10.13 -32.16
CA LYS B 8 3.64 10.12 -32.17
C LYS B 8 4.42 9.13 -31.29
C LYS B 8 4.31 9.09 -31.27
N VAL B 9 4.56 9.46 -30.02
CA VAL B 9 5.05 8.52 -29.03
C VAL B 9 3.86 8.07 -28.21
N THR B 10 3.58 6.77 -28.18
CA THR B 10 2.40 6.31 -27.45
C THR B 10 2.70 5.15 -26.52
N VAL B 11 1.88 5.07 -25.46
CA VAL B 11 1.86 3.94 -24.54
C VAL B 11 0.43 3.39 -24.60
N ASP B 12 0.30 2.20 -25.17
CA ASP B 12 -1.01 1.62 -25.43
C ASP B 12 -1.95 2.59 -26.14
N GLY B 13 -1.42 3.35 -27.09
CA GLY B 13 -2.24 4.30 -27.83
C GLY B 13 -2.42 5.66 -27.17
N ILE B 14 -1.92 5.80 -25.94
CA ILE B 14 -1.97 7.07 -25.23
C ILE B 14 -0.73 7.89 -25.56
N GLU B 15 -0.92 9.06 -26.16
CA GLU B 15 0.22 9.85 -26.60
C GLU B 15 0.93 10.56 -25.45
N PHE B 16 2.25 10.54 -25.51
CA PHE B 16 3.09 11.38 -24.66
C PHE B 16 3.85 12.37 -25.51
N PRO B 17 3.83 13.64 -25.11
CA PRO B 17 4.60 14.63 -25.87
C PRO B 17 6.08 14.41 -25.67
N PRO B 18 6.88 14.69 -26.70
CA PRO B 18 8.32 14.49 -26.58
C PRO B 18 8.96 15.46 -25.60
N THR B 19 8.32 16.60 -25.37
CA THR B 19 8.81 17.57 -24.40
C THR B 19 7.66 18.12 -23.58
N ILE B 20 7.97 18.63 -22.40
N ILE B 20 7.99 18.66 -22.43
CA ILE B 20 6.97 19.25 -21.53
CA ILE B 20 6.99 19.28 -21.58
C ILE B 20 7.56 20.41 -20.75
C ILE B 20 7.60 20.45 -20.83
N THR B 21 6.84 21.52 -20.72
CA THR B 21 7.21 22.62 -19.85
C THR B 21 6.54 22.36 -18.51
N PRO B 22 7.31 22.09 -17.45
CA PRO B 22 6.64 21.86 -16.17
C PRO B 22 5.79 23.06 -15.76
N PRO B 23 4.62 22.83 -15.18
CA PRO B 23 3.76 23.95 -14.77
C PRO B 23 4.49 24.98 -13.91
N GLY B 24 4.43 26.24 -14.34
CA GLY B 24 5.07 27.33 -13.63
C GLY B 24 6.46 27.65 -14.14
N SER B 25 7.02 26.74 -14.93
CA SER B 25 8.38 26.90 -15.44
CA SER B 25 8.38 26.89 -15.44
C SER B 25 8.41 27.44 -16.86
N SER B 26 9.60 27.80 -17.34
CA SER B 26 9.77 28.30 -18.69
C SER B 26 10.55 27.32 -19.55
N LYS B 27 11.35 26.48 -18.89
CA LYS B 27 12.19 25.53 -19.61
C LYS B 27 11.39 24.29 -19.99
N SER B 28 11.94 23.51 -20.92
CA SER B 28 11.30 22.27 -21.33
C SER B 28 12.14 21.05 -20.96
N LEU B 29 11.46 20.01 -20.51
CA LEU B 29 12.08 18.73 -20.24
C LEU B 29 11.73 17.75 -21.35
N THR B 30 12.56 16.73 -21.52
CA THR B 30 12.39 15.78 -22.60
C THR B 30 11.98 14.40 -22.07
N LEU B 31 11.12 13.72 -22.84
CA LEU B 31 10.69 12.37 -22.49
C LEU B 31 11.84 11.37 -22.49
N LEU B 32 12.04 10.69 -21.37
CA LEU B 32 13.07 9.64 -21.27
C LEU B 32 12.48 8.25 -21.51
N GLY B 33 11.22 8.05 -21.11
CA GLY B 33 10.57 6.78 -21.29
C GLY B 33 9.17 6.85 -20.71
N ALA B 34 8.33 5.90 -21.08
CA ALA B 34 6.97 5.87 -20.55
C ALA B 34 6.43 4.47 -20.59
N GLY B 35 5.57 4.16 -19.62
CA GLY B 35 4.99 2.84 -19.48
C GLY B 35 3.61 2.86 -18.87
N VAL B 36 3.07 1.67 -18.73
N VAL B 36 3.18 1.76 -18.27
N VAL B 36 3.11 1.69 -18.50
CA VAL B 36 1.71 1.49 -18.25
CA VAL B 36 1.87 1.74 -17.57
CA VAL B 36 1.75 1.55 -18.01
C VAL B 36 1.82 0.95 -16.86
C VAL B 36 1.86 1.25 -16.10
C VAL B 36 1.72 1.13 -16.54
N ARG B 37 0.90 1.39 -16.02
N ARG B 37 0.84 1.62 -15.35
CA ARG B 37 0.72 0.81 -14.70
CA ARG B 37 0.56 0.92 -14.08
C ARG B 37 -0.46 -0.14 -14.77
C ARG B 37 -0.55 -0.08 -14.34
N GLY B 38 -0.19 -1.37 -14.35
CA GLY B 38 -1.19 -2.42 -14.41
C GLY B 38 -1.66 -2.76 -13.00
N MET B 39 -2.93 -3.11 -12.91
N MET B 39 -2.93 -3.14 -12.89
CA MET B 39 -3.56 -3.58 -11.70
CA MET B 39 -3.49 -3.57 -11.61
C MET B 39 -3.97 -5.03 -11.92
C MET B 39 -4.14 -4.94 -11.75
N GLU B 40 -3.63 -5.91 -10.97
CA GLU B 40 -4.10 -7.27 -11.08
C GLU B 40 -5.45 -7.42 -10.39
N ILE B 41 -6.40 -8.02 -11.11
CA ILE B 41 -7.68 -8.38 -10.54
C ILE B 41 -7.89 -9.85 -10.84
N GLU B 42 -7.84 -10.68 -9.79
CA GLU B 42 -7.89 -12.12 -10.01
C GLU B 42 -6.85 -12.50 -11.05
N THR B 43 -7.26 -13.09 -12.17
CA THR B 43 -6.28 -13.55 -13.16
C THR B 43 -6.02 -12.58 -14.31
N ILE B 44 -6.62 -11.38 -14.26
CA ILE B 44 -6.40 -10.41 -15.33
C ILE B 44 -5.65 -9.17 -14.85
N GLN B 45 -5.14 -8.42 -15.82
CA GLN B 45 -4.48 -7.14 -15.54
C GLN B 45 -5.23 -6.00 -16.20
N ILE B 46 -5.53 -4.97 -15.41
CA ILE B 46 -6.22 -3.77 -15.90
C ILE B 46 -5.19 -2.67 -16.03
N LYS B 47 -5.09 -2.05 -17.20
CA LYS B 47 -4.26 -0.86 -17.32
C LYS B 47 -4.96 0.32 -16.66
N VAL B 48 -4.35 0.90 -15.63
CA VAL B 48 -5.06 1.96 -14.92
C VAL B 48 -4.46 3.36 -15.13
N THR B 49 -3.17 3.45 -15.44
CA THR B 49 -2.55 4.75 -15.78
C THR B 49 -1.44 4.49 -16.78
N ALA B 50 -1.03 5.56 -17.46
CA ALA B 50 0.22 5.57 -18.21
C ALA B 50 1.12 6.62 -17.58
N ILE B 51 2.41 6.33 -17.53
CA ILE B 51 3.37 7.10 -16.76
C ILE B 51 4.54 7.49 -17.64
N GLY B 52 4.83 8.79 -17.73
CA GLY B 52 5.96 9.25 -18.52
C GLY B 52 6.96 9.98 -17.65
N VAL B 53 8.25 9.75 -17.91
CA VAL B 53 9.32 10.36 -17.12
C VAL B 53 10.11 11.34 -17.98
N TYR B 54 10.32 12.55 -17.46
CA TYR B 54 10.92 13.66 -18.21
C TYR B 54 12.09 14.28 -17.44
N ALA B 55 13.14 14.66 -18.17
CA ALA B 55 14.26 15.40 -17.58
C ALA B 55 15.03 16.12 -18.69
N GLU B 56 16.05 16.88 -18.33
CA GLU B 56 16.92 17.52 -19.34
C GLU B 56 17.99 16.52 -19.77
N PRO B 57 17.96 16.09 -21.03
CA PRO B 57 18.80 14.96 -21.45
C PRO B 57 20.30 15.17 -21.21
N GLU B 58 20.81 16.34 -21.57
N GLU B 58 20.84 16.33 -21.56
CA GLU B 58 22.22 16.65 -21.41
CA GLU B 58 22.26 16.56 -21.39
C GLU B 58 22.63 16.69 -19.94
C GLU B 58 22.63 16.63 -19.91
N VAL B 59 21.75 17.24 -19.11
CA VAL B 59 22.01 17.36 -17.69
C VAL B 59 22.01 16.00 -16.99
N ILE B 60 21.04 15.15 -17.32
CA ILE B 60 20.97 13.87 -16.65
C ILE B 60 22.04 12.92 -17.17
N ALA B 61 22.44 13.12 -18.42
CA ALA B 61 23.51 12.33 -19.03
C ALA B 61 24.83 12.54 -18.27
N SER B 62 25.09 13.78 -17.88
CA SER B 62 26.34 14.12 -17.21
C SER B 62 26.43 13.51 -15.81
N HIS B 63 25.27 13.15 -15.24
CA HIS B 63 25.24 12.53 -13.92
C HIS B 63 25.22 11.00 -14.00
N LEU B 64 25.24 10.46 -15.20
CA LEU B 64 25.11 9.01 -15.37
C LEU B 64 26.19 8.42 -16.27
N GLN B 65 27.31 9.13 -16.39
CA GLN B 65 28.41 8.71 -17.25
C GLN B 65 28.92 7.30 -16.93
N LYS B 66 28.89 6.95 -15.66
CA LYS B 66 29.31 5.62 -15.21
CA LYS B 66 29.32 5.62 -15.22
C LYS B 66 28.55 4.51 -15.93
N TRP B 67 27.36 4.83 -16.41
CA TRP B 67 26.49 3.84 -17.04
C TRP B 67 26.61 3.81 -18.56
N LYS B 68 27.40 4.72 -19.12
CA LYS B 68 27.58 4.81 -20.56
C LYS B 68 28.04 3.47 -21.16
N GLY B 69 27.43 3.09 -22.27
CA GLY B 69 27.78 1.86 -22.95
C GLY B 69 26.92 0.67 -22.57
N LYS B 70 26.18 0.80 -21.48
CA LYS B 70 25.31 -0.27 -21.03
C LYS B 70 24.06 -0.37 -21.88
N SER B 71 23.66 -1.60 -22.18
CA SER B 71 22.44 -1.85 -22.93
C SER B 71 21.24 -1.59 -22.02
N ALA B 72 20.07 -1.45 -22.63
CA ALA B 72 18.84 -1.28 -21.87
C ALA B 72 18.59 -2.47 -20.96
N SER B 73 18.89 -3.67 -21.46
CA SER B 73 18.78 -4.89 -20.68
C SER B 73 19.65 -4.83 -19.43
N GLU B 74 20.87 -4.32 -19.59
CA GLU B 74 21.81 -4.24 -18.48
C GLU B 74 21.40 -3.18 -17.46
N LEU B 75 20.84 -2.08 -17.95
CA LEU B 75 20.41 -1.00 -17.06
C LEU B 75 19.17 -1.43 -16.28
N VAL B 76 18.25 -2.10 -16.96
CA VAL B 76 16.97 -2.44 -16.35
C VAL B 76 17.15 -3.46 -15.22
N GLU B 77 18.24 -4.23 -15.28
CA GLU B 77 18.49 -5.26 -14.28
C GLU B 77 19.37 -4.76 -13.13
N ASP B 78 19.79 -3.51 -13.20
CA ASP B 78 20.68 -2.95 -12.19
C ASP B 78 19.96 -1.94 -11.30
N ASP B 79 19.69 -2.32 -10.06
CA ASP B 79 19.03 -1.43 -9.10
C ASP B 79 19.85 -0.17 -8.88
N GLY B 80 21.16 -0.28 -9.01
CA GLY B 80 22.05 0.85 -8.82
C GLY B 80 21.83 1.96 -9.84
N PHE B 81 21.47 1.57 -11.05
CA PHE B 81 21.19 2.55 -12.09
C PHE B 81 19.97 3.41 -11.73
N PHE B 82 18.91 2.76 -11.29
CA PHE B 82 17.70 3.49 -10.94
C PHE B 82 17.89 4.29 -9.65
N LYS B 83 18.74 3.79 -8.76
CA LYS B 83 19.06 4.56 -7.56
C LYS B 83 19.78 5.85 -7.94
N ASP B 84 20.67 5.79 -8.92
CA ASP B 84 21.37 6.99 -9.37
C ASP B 84 20.39 7.97 -10.01
N LEU B 85 19.45 7.42 -10.75
CA LEU B 85 18.45 8.23 -11.44
C LEU B 85 17.60 8.98 -10.42
N VAL B 86 17.13 8.27 -9.40
CA VAL B 86 16.31 8.85 -8.35
C VAL B 86 17.07 9.91 -7.56
N GLN B 87 18.36 9.66 -7.32
CA GLN B 87 19.14 10.55 -6.46
C GLN B 87 19.76 11.72 -7.21
N ALA B 88 19.86 11.62 -8.53
CA ALA B 88 20.47 12.68 -9.34
C ALA B 88 19.83 14.04 -9.04
N PRO B 89 20.66 15.02 -8.67
CA PRO B 89 20.19 16.37 -8.37
C PRO B 89 19.90 17.16 -9.65
N VAL B 90 18.92 16.68 -10.41
CA VAL B 90 18.49 17.35 -11.63
C VAL B 90 16.97 17.45 -11.64
N GLU B 91 16.44 18.38 -12.41
CA GLU B 91 15.00 18.57 -12.51
C GLU B 91 14.35 17.35 -13.17
N LYS B 92 13.20 16.93 -12.63
CA LYS B 92 12.49 15.78 -13.17
C LYS B 92 11.00 16.03 -13.14
N LEU B 93 10.29 15.35 -14.02
CA LEU B 93 8.83 15.43 -14.03
C LEU B 93 8.27 14.08 -14.42
N VAL B 94 7.22 13.67 -13.73
CA VAL B 94 6.47 12.47 -14.05
C VAL B 94 5.08 12.92 -14.46
N LYS B 95 4.65 12.52 -15.65
CA LYS B 95 3.32 12.83 -16.14
C LYS B 95 2.50 11.56 -16.11
N ILE B 96 1.35 11.60 -15.45
N ILE B 96 1.38 11.64 -15.39
CA ILE B 96 0.49 10.43 -15.35
CA ILE B 96 0.41 10.55 -15.30
C ILE B 96 -0.85 10.67 -16.03
C ILE B 96 -0.77 10.84 -16.22
N THR B 97 -1.13 9.88 -17.07
CA THR B 97 -2.42 9.94 -17.76
C THR B 97 -3.32 8.86 -17.17
N ILE B 98 -4.47 9.27 -16.66
CA ILE B 98 -5.42 8.37 -16.02
C ILE B 98 -6.19 7.59 -17.07
N ILE B 99 -6.17 6.28 -16.95
CA ILE B 99 -6.95 5.42 -17.84
C ILE B 99 -8.24 5.01 -17.15
N LYS B 100 -8.12 4.43 -15.96
CA LYS B 100 -9.28 4.10 -15.14
C LYS B 100 -9.69 5.31 -14.31
N GLY B 101 -10.84 5.89 -14.61
CA GLY B 101 -11.29 7.08 -13.91
C GLY B 101 -11.53 6.79 -12.44
N ILE B 102 -11.08 7.71 -11.60
CA ILE B 102 -11.20 7.56 -10.14
C ILE B 102 -11.38 8.93 -9.51
N LYS B 103 -11.84 8.95 -8.27
CA LYS B 103 -11.78 10.20 -7.50
C LYS B 103 -10.34 10.51 -7.13
N GLY B 104 -10.01 11.80 -7.03
CA GLY B 104 -8.70 12.18 -6.57
C GLY B 104 -8.38 11.55 -5.21
N SER B 105 -9.37 11.46 -4.35
CA SER B 105 -9.15 10.87 -3.02
C SER B 105 -8.77 9.40 -3.10
N GLN B 106 -9.20 8.72 -4.16
CA GLN B 106 -8.81 7.33 -4.34
C GLN B 106 -7.36 7.22 -4.74
N TYR B 107 -6.95 8.03 -5.72
CA TYR B 107 -5.57 8.04 -6.15
C TYR B 107 -4.68 8.38 -4.97
N GLY B 108 -5.06 9.45 -4.26
CA GLY B 108 -4.31 9.86 -3.08
C GLY B 108 -4.18 8.77 -2.05
N GLY B 109 -5.29 8.13 -1.66
CA GLY B 109 -5.23 7.09 -0.64
C GLY B 109 -4.27 5.98 -1.02
N ALA B 110 -4.31 5.58 -2.27
CA ALA B 110 -3.46 4.50 -2.74
C ALA B 110 -1.98 4.89 -2.70
N VAL B 111 -1.64 6.05 -3.24
CA VAL B 111 -0.26 6.49 -3.33
CA VAL B 111 -0.24 6.40 -3.31
C VAL B 111 0.28 6.87 -1.94
N GLU B 112 -0.60 7.40 -1.08
CA GLU B 112 -0.19 7.72 0.28
C GLU B 112 0.32 6.48 1.02
N GLU B 113 -0.32 5.34 0.82
CA GLU B 113 0.16 4.11 1.44
C GLU B 113 1.54 3.72 0.89
N SER B 114 1.74 3.89 -0.41
CA SER B 114 3.03 3.58 -1.03
C SER B 114 4.12 4.48 -0.45
N ILE B 115 3.79 5.75 -0.26
CA ILE B 115 4.74 6.68 0.32
C ILE B 115 5.03 6.32 1.78
N ARG B 116 4.00 6.04 2.56
CA ARG B 116 4.20 5.72 3.98
C ARG B 116 5.08 4.49 4.15
N ASP B 117 4.90 3.50 3.28
CA ASP B 117 5.70 2.28 3.36
C ASP B 117 7.17 2.62 3.18
N ARG B 118 7.45 3.47 2.21
CA ARG B 118 8.81 3.86 1.88
C ARG B 118 9.43 4.72 2.98
N LEU B 119 8.65 5.65 3.54
CA LEU B 119 9.14 6.46 4.64
C LEU B 119 9.51 5.58 5.82
N ALA B 120 8.66 4.60 6.12
CA ALA B 120 8.94 3.69 7.22
C ALA B 120 10.22 2.89 6.96
N ALA B 121 10.38 2.39 5.74
CA ALA B 121 11.55 1.58 5.39
C ALA B 121 12.85 2.36 5.52
N LEU B 122 12.77 3.67 5.33
CA LEU B 122 13.96 4.51 5.42
C LEU B 122 14.19 5.05 6.83
N ASP B 123 13.26 4.74 7.73
CA ASP B 123 13.26 5.35 9.07
C ASP B 123 13.26 6.86 8.96
N LYS B 124 12.41 7.37 8.07
CA LYS B 124 12.31 8.80 7.81
C LYS B 124 10.86 9.23 7.88
N TYR B 125 10.16 8.80 8.91
CA TYR B 125 8.75 9.09 9.03
C TYR B 125 8.53 9.80 10.35
N SER B 126 8.76 11.11 10.35
CA SER B 126 8.53 11.92 11.53
C SER B 126 7.30 12.79 11.33
N GLU B 127 6.99 13.61 12.32
CA GLU B 127 5.84 14.52 12.23
C GLU B 127 5.93 15.43 11.00
N ALA B 128 7.13 15.86 10.61
CA ALA B 128 7.26 16.71 9.44
C ALA B 128 6.77 15.97 8.19
N GLU B 129 7.09 14.70 8.08
CA GLU B 129 6.65 13.93 6.91
C GLU B 129 5.15 13.69 6.97
N GLU B 130 4.62 13.46 8.17
CA GLU B 130 3.20 13.27 8.36
C GLU B 130 2.43 14.50 7.88
N GLU B 131 2.93 15.69 8.22
CA GLU B 131 2.27 16.93 7.84
C GLU B 131 2.39 17.16 6.33
N ALA B 132 3.55 16.85 5.76
CA ALA B 132 3.72 17.00 4.32
C ALA B 132 2.79 16.04 3.56
N LEU B 133 2.68 14.81 4.06
CA LEU B 133 1.80 13.83 3.43
C LEU B 133 0.34 14.28 3.54
N GLU B 134 -0.03 14.94 4.64
CA GLU B 134 -1.40 15.42 4.75
C GLU B 134 -1.70 16.55 3.75
N GLU B 135 -0.69 17.37 3.42
CA GLU B 135 -0.88 18.38 2.37
C GLU B 135 -1.13 17.70 1.01
N PHE B 136 -0.34 16.68 0.71
CA PHE B 136 -0.49 15.87 -0.49
C PHE B 136 -1.90 15.29 -0.53
N ARG B 137 -2.32 14.73 0.60
CA ARG B 137 -3.63 14.11 0.70
C ARG B 137 -4.77 15.10 0.43
N GLU B 138 -4.69 16.27 1.07
CA GLU B 138 -5.73 17.27 0.92
C GLU B 138 -5.82 17.75 -0.52
N PHE B 139 -4.68 17.89 -1.18
CA PHE B 139 -4.69 18.30 -2.56
C PHE B 139 -5.53 17.32 -3.39
N PHE B 140 -5.23 16.03 -3.26
CA PHE B 140 -5.95 15.06 -4.08
C PHE B 140 -7.42 14.94 -3.69
N GLN B 141 -7.74 15.21 -2.42
CA GLN B 141 -9.14 15.20 -2.00
C GLN B 141 -9.99 16.26 -2.72
N THR B 142 -9.34 17.26 -3.30
CA THR B 142 -10.10 18.29 -4.01
C THR B 142 -10.37 17.94 -5.46
N LYS B 143 -9.82 16.83 -5.95
CA LYS B 143 -9.85 16.56 -7.40
C LYS B 143 -10.71 15.38 -7.81
N SER B 144 -11.14 15.46 -9.07
CA SER B 144 -11.73 14.34 -9.77
C SER B 144 -10.74 13.93 -10.85
N LEU B 145 -10.58 12.64 -11.07
CA LEU B 145 -9.63 12.15 -12.05
C LEU B 145 -10.31 11.20 -13.05
N PRO B 146 -11.18 11.75 -13.90
CA PRO B 146 -11.80 10.92 -14.95
C PRO B 146 -10.77 10.42 -15.94
N LYS B 147 -11.16 9.40 -16.70
N LYS B 147 -11.16 9.41 -16.71
CA LYS B 147 -10.36 8.94 -17.82
CA LYS B 147 -10.33 8.93 -17.80
C LYS B 147 -9.90 10.13 -18.64
C LYS B 147 -9.90 10.10 -18.65
N GLY B 148 -8.60 10.20 -18.91
CA GLY B 148 -8.03 11.27 -19.72
C GLY B 148 -7.47 12.42 -18.90
N SER B 149 -7.79 12.46 -17.62
CA SER B 149 -7.17 13.46 -16.76
CA SER B 149 -7.17 13.40 -16.71
C SER B 149 -5.67 13.16 -16.64
N VAL B 150 -4.94 14.17 -16.20
CA VAL B 150 -3.50 14.05 -16.08
CA VAL B 150 -3.50 14.07 -16.09
CA VAL B 150 -3.49 14.06 -16.08
C VAL B 150 -3.01 14.65 -14.77
N ILE B 151 -2.02 13.99 -14.19
CA ILE B 151 -1.31 14.46 -13.00
C ILE B 151 0.12 14.81 -13.41
N PHE B 152 0.60 15.99 -12.99
CA PHE B 152 1.98 16.36 -13.23
C PHE B 152 2.69 16.44 -11.89
N PHE B 153 3.61 15.52 -11.66
CA PHE B 153 4.49 15.54 -10.50
C PHE B 153 5.82 16.13 -10.94
N HIS B 154 6.21 17.23 -10.32
CA HIS B 154 7.41 17.94 -10.75
C HIS B 154 8.37 18.06 -9.58
N TRP B 155 9.61 17.64 -9.80
CA TRP B 155 10.67 17.79 -8.79
C TRP B 155 11.70 18.82 -9.29
N PRO B 156 11.46 20.11 -9.01
CA PRO B 156 12.43 21.14 -9.46
C PRO B 156 13.77 20.91 -8.80
N SER B 157 13.74 20.36 -7.60
CA SER B 157 14.92 19.81 -6.95
C SER B 157 14.50 18.53 -6.25
N PRO B 158 15.48 17.74 -5.78
CA PRO B 158 15.11 16.48 -5.12
C PRO B 158 14.27 16.68 -3.85
N SER B 159 14.32 17.85 -3.23
CA SER B 159 13.66 18.07 -1.95
C SER B 159 12.29 18.74 -2.06
N THR B 160 11.86 19.07 -3.27
CA THR B 160 10.64 19.82 -3.48
C THR B 160 9.75 19.11 -4.49
N LEU B 161 8.47 18.97 -4.15
CA LEU B 161 7.50 18.35 -5.04
C LEU B 161 6.38 19.31 -5.38
N GLN B 162 6.17 19.53 -6.68
CA GLN B 162 5.05 20.35 -7.15
C GLN B 162 4.06 19.46 -7.86
N ILE B 163 2.79 19.68 -7.57
CA ILE B 163 1.73 18.86 -8.14
C ILE B 163 0.73 19.73 -8.88
N SER B 164 0.30 19.29 -10.06
CA SER B 164 -0.76 19.94 -10.80
C SER B 164 -1.61 18.87 -11.48
N VAL B 165 -2.87 19.18 -11.69
CA VAL B 165 -3.81 18.24 -12.31
C VAL B 165 -4.65 18.96 -13.35
N SER B 166 -4.94 18.29 -14.45
CA SER B 166 -5.98 18.78 -15.35
CA SER B 166 -5.96 18.78 -15.37
C SER B 166 -6.95 17.67 -15.66
N THR B 167 -8.24 18.00 -15.68
CA THR B 167 -9.23 16.94 -15.91
C THR B 167 -9.35 16.61 -17.39
N ASP B 168 -8.87 17.51 -18.26
CA ASP B 168 -9.01 17.29 -19.71
C ASP B 168 -7.71 16.96 -20.43
N GLY B 169 -6.61 16.83 -19.69
CA GLY B 169 -5.34 16.49 -20.31
C GLY B 169 -4.51 17.69 -20.74
N SER B 170 -5.04 18.88 -20.50
CA SER B 170 -4.31 20.09 -20.80
C SER B 170 -3.12 20.27 -19.85
N LEU B 171 -2.22 21.16 -20.22
CA LEU B 171 -0.98 21.38 -19.48
C LEU B 171 -1.12 22.61 -18.60
N PRO B 172 -1.16 22.42 -17.27
CA PRO B 172 -1.23 23.56 -16.35
C PRO B 172 -0.05 24.51 -16.52
N GLU B 173 -0.29 25.78 -16.24
CA GLU B 173 0.73 26.80 -16.39
C GLU B 173 1.27 27.35 -15.07
N GLU B 174 0.71 26.86 -13.97
CA GLU B 174 1.25 27.16 -12.64
C GLU B 174 1.10 25.91 -11.80
N ALA B 175 2.05 25.70 -10.88
CA ALA B 175 1.93 24.58 -9.96
C ALA B 175 0.76 24.82 -9.03
N GLU B 176 0.00 23.78 -8.74
CA GLU B 176 -1.17 23.94 -7.89
C GLU B 176 -0.88 23.70 -6.42
N ALA B 177 0.06 22.80 -6.14
CA ALA B 177 0.45 22.49 -4.78
C ALA B 177 1.95 22.29 -4.72
N THR B 178 2.56 22.70 -3.63
CA THR B 178 3.99 22.49 -3.46
C THR B 178 4.21 21.86 -2.11
N VAL B 179 4.90 20.71 -2.11
CA VAL B 179 5.21 19.98 -0.89
C VAL B 179 6.69 20.08 -0.63
N GLU B 180 7.07 20.79 0.42
CA GLU B 180 8.46 20.98 0.77
C GLU B 180 8.89 19.98 1.83
N ASN B 181 9.25 18.79 1.38
CA ASN B 181 9.77 17.77 2.27
C ASN B 181 10.57 16.78 1.44
N ALA B 182 11.86 16.71 1.72
CA ALA B 182 12.76 15.88 0.91
C ALA B 182 12.41 14.41 0.97
N ASN B 183 11.95 13.94 2.13
CA ASN B 183 11.68 12.53 2.28
C ASN B 183 10.43 12.10 1.52
N VAL B 184 9.37 12.89 1.62
CA VAL B 184 8.15 12.60 0.89
C VAL B 184 8.41 12.71 -0.62
N ALA B 185 9.16 13.73 -1.03
CA ALA B 185 9.46 13.92 -2.46
C ALA B 185 10.22 12.71 -3.01
N ALA B 186 11.25 12.27 -2.29
CA ALA B 186 12.04 11.14 -2.74
C ALA B 186 11.23 9.84 -2.71
N ALA B 187 10.39 9.69 -1.69
CA ALA B 187 9.56 8.49 -1.58
C ALA B 187 8.63 8.37 -2.77
N LEU B 188 8.04 9.49 -3.17
CA LEU B 188 7.12 9.45 -4.31
C LEU B 188 7.87 9.08 -5.59
N LEU B 189 9.04 9.67 -5.79
CA LEU B 189 9.80 9.31 -6.98
C LEU B 189 10.14 7.81 -6.97
N ASP B 190 10.41 7.27 -5.79
CA ASP B 190 10.72 5.85 -5.63
C ASP B 190 9.55 4.93 -5.99
N VAL B 191 8.33 5.43 -5.82
CA VAL B 191 7.14 4.69 -6.21
C VAL B 191 7.20 4.37 -7.70
N PHE B 192 7.77 5.28 -8.48
CA PHE B 192 7.84 5.08 -9.92
C PHE B 192 9.14 4.44 -10.40
N LEU B 193 10.26 4.77 -9.78
CA LEU B 193 11.54 4.31 -10.32
C LEU B 193 12.33 3.40 -9.38
N GLY B 194 11.79 3.14 -8.20
CA GLY B 194 12.49 2.35 -7.20
C GLY B 194 12.39 0.85 -7.40
N GLU B 195 12.96 0.10 -6.46
CA GLU B 195 13.04 -1.36 -6.59
C GLU B 195 11.68 -2.03 -6.62
N ASN B 196 10.71 -1.46 -5.91
CA ASN B 196 9.37 -2.01 -5.92
C ASN B 196 8.41 -1.07 -6.67
N SER B 197 8.87 -0.59 -7.81
CA SER B 197 8.09 0.32 -8.66
C SER B 197 6.72 -0.23 -9.03
N VAL B 198 5.75 0.68 -9.13
CA VAL B 198 4.42 0.29 -9.58
C VAL B 198 4.38 0.04 -11.09
N SER B 199 5.44 0.40 -11.80
CA SER B 199 5.48 0.22 -13.24
C SER B 199 6.83 -0.25 -13.78
N PRO B 200 7.04 -1.56 -13.78
CA PRO B 200 8.23 -2.11 -14.43
C PRO B 200 8.35 -1.69 -15.90
N SER B 201 7.22 -1.55 -16.59
CA SER B 201 7.24 -1.13 -17.98
C SER B 201 7.83 0.27 -18.14
N THR B 202 7.47 1.17 -17.24
CA THR B 202 8.03 2.52 -17.28
C THR B 202 9.55 2.48 -17.06
N LYS B 203 9.99 1.67 -16.11
CA LYS B 203 11.43 1.55 -15.86
C LYS B 203 12.16 1.00 -17.08
N ALA B 204 11.59 -0.02 -17.70
CA ALA B 204 12.19 -0.60 -18.91
C ALA B 204 12.29 0.45 -20.01
N SER B 205 11.24 1.25 -20.19
CA SER B 205 11.25 2.28 -21.20
C SER B 205 12.30 3.35 -20.92
N VAL B 206 12.41 3.77 -19.67
CA VAL B 206 13.42 4.76 -19.29
C VAL B 206 14.82 4.20 -19.48
N ALA B 207 15.00 2.90 -19.22
CA ALA B 207 16.28 2.27 -19.46
C ALA B 207 16.63 2.33 -20.94
N GLU B 208 15.65 2.08 -21.81
CA GLU B 208 15.85 2.19 -23.25
C GLU B 208 16.23 3.61 -23.65
N GLY B 209 15.54 4.60 -23.10
CA GLY B 209 15.79 5.98 -23.45
C GLY B 209 17.18 6.42 -23.00
N ILE B 210 17.53 6.07 -21.76
CA ILE B 210 18.79 6.53 -21.21
C ILE B 210 19.97 5.79 -21.82
N SER B 211 19.82 4.49 -22.07
CA SER B 211 20.88 3.74 -22.76
C SER B 211 21.24 4.40 -24.08
N ALA B 212 20.21 4.74 -24.86
CA ALA B 212 20.41 5.40 -26.15
C ALA B 212 21.01 6.80 -25.98
N LEU B 213 20.52 7.54 -25.00
CA LEU B 213 21.02 8.88 -24.72
C LEU B 213 22.52 8.90 -24.43
N LEU B 214 22.97 7.92 -23.66
CA LEU B 214 24.36 7.87 -23.22
C LEU B 214 25.31 7.50 -24.36
N MET B 215 24.78 6.82 -25.36
CA MET B 215 25.56 6.46 -26.53
C MET B 215 25.82 7.67 -27.41
#